data_8PIJ
#
_entry.id   8PIJ
#
_cell.length_a   1.00
_cell.length_b   1.00
_cell.length_c   1.00
_cell.angle_alpha   90.00
_cell.angle_beta   90.00
_cell.angle_gamma   90.00
#
_symmetry.space_group_name_H-M   'P 1'
#
loop_
_entity.id
_entity.type
_entity.pdbx_description
1 polymer Pilin
2 polymer 'C24 nanobody'
3 non-polymer SN-GLYCEROL-3-PHOSPHATE
4 non-polymer (2~{R})-~{N}-[(2~{R},3~{S},4~{S},5~{R},6~{R})-5-acetamido-2-methyl-4,6-bis(oxidanyl)oxan-3-yl]-2,3-bis(oxidanyl)propanamide
#
loop_
_entity_poly.entity_id
_entity_poly.type
_entity_poly.pdbx_seq_one_letter_code
_entity_poly.pdbx_strand_id
1 'polypeptide(L)'
;FTLIELMIVIAIVGILAAVALPAYQDYTARAQVSEAILLAEGQKSAVTEYYLNHGEWPGDNSSAGVATSADIKGKYVQSV
TVANGVITAQMASSNVNNEIKSKKLSLWAKRQNGSVKWFCGQPVTRTTATATDVAAANGKTDDKINTKHLPSTCRDDSSA
S
;
A
2 'polypeptide(L)'
;MAQLQLVESGGGLVQPGGSLRLSCASSGFRSDYYAIVWFRQAPGKEREGVSCISTSGKTTIYADSVKGRFTISRDNAKNT
VYLQMNSLKPEDTAVYYCAADFRGSRLSDVCSYSSMDYWGKGTLATVS
;
B
#
# COMPACT_ATOMS: atom_id res chain seq x y z
N PHE A 1 -52.95 2.19 52.08
CA PHE A 1 -52.43 1.09 51.29
C PHE A 1 -52.20 -0.15 52.15
N THR A 2 -51.73 -1.22 51.52
CA THR A 2 -51.51 -2.48 52.21
C THR A 2 -50.17 -3.06 51.74
N LEU A 3 -49.93 -4.32 52.11
CA LEU A 3 -48.67 -4.97 51.74
C LEU A 3 -48.57 -5.23 50.24
N ILE A 4 -49.71 -5.47 49.58
CA ILE A 4 -49.70 -5.76 48.15
C ILE A 4 -49.17 -4.58 47.36
N GLU A 5 -49.59 -3.37 47.72
CA GLU A 5 -49.11 -2.17 47.03
C GLU A 5 -47.61 -2.00 47.19
N LEU A 6 -47.10 -2.23 48.41
CA LEU A 6 -45.67 -2.11 48.64
C LEU A 6 -44.88 -3.15 47.85
N MET A 7 -45.39 -4.38 47.79
CA MET A 7 -44.73 -5.41 47.00
C MET A 7 -44.73 -5.04 45.52
N ILE A 8 -45.83 -4.50 45.02
CA ILE A 8 -45.90 -4.08 43.62
C ILE A 8 -44.93 -2.94 43.37
N VAL A 9 -44.80 -2.02 44.31
CA VAL A 9 -43.85 -0.91 44.17
C VAL A 9 -42.42 -1.43 44.10
N ILE A 10 -42.10 -2.40 44.97
CA ILE A 10 -40.76 -2.99 44.95
C ILE A 10 -40.51 -3.70 43.62
N ALA A 11 -41.51 -4.41 43.11
CA ALA A 11 -41.36 -5.07 41.82
C ALA A 11 -41.15 -4.07 40.69
N ILE A 12 -41.87 -2.96 40.72
CA ILE A 12 -41.70 -1.92 39.69
C ILE A 12 -40.31 -1.31 39.78
N VAL A 13 -39.82 -1.08 41.01
CA VAL A 13 -38.46 -0.56 41.17
C VAL A 13 -37.44 -1.54 40.60
N GLY A 14 -37.63 -2.83 40.87
CA GLY A 14 -36.74 -3.83 40.30
C GLY A 14 -36.79 -3.87 38.79
N ILE A 15 -37.98 -3.69 38.22
CA ILE A 15 -38.13 -3.65 36.77
C ILE A 15 -37.37 -2.47 36.19
N LEU A 16 -37.51 -1.30 36.82
CA LEU A 16 -36.86 -0.10 36.32
C LEU A 16 -35.35 -0.15 36.52
N ALA A 17 -34.88 -0.91 37.52
CA ALA A 17 -33.44 -1.00 37.76
C ALA A 17 -32.72 -1.67 36.60
N ALA A 18 -33.29 -2.75 36.06
CA ALA A 18 -32.69 -3.50 34.96
C ALA A 18 -33.56 -3.31 33.73
N VAL A 19 -33.15 -2.41 32.84
CA VAL A 19 -33.87 -2.11 31.62
C VAL A 19 -32.91 -2.12 30.45
N ALA A 20 -33.46 -2.36 29.26
CA ALA A 20 -32.64 -2.42 28.06
C ALA A 20 -32.16 -1.03 27.65
N LEU A 21 -30.96 -0.99 27.07
CA LEU A 21 -30.36 0.25 26.61
C LEU A 21 -30.31 0.29 25.08
N PRO A 22 -30.45 1.46 24.49
CA PRO A 22 -30.33 1.57 23.03
C PRO A 22 -28.89 1.33 22.58
N ALA A 23 -28.74 1.16 21.26
CA ALA A 23 -27.44 0.84 20.67
C ALA A 23 -26.57 2.10 20.66
N TYR A 24 -25.95 2.37 21.82
CA TYR A 24 -25.05 3.50 21.94
C TYR A 24 -23.67 3.24 21.36
N GLN A 25 -23.34 1.98 21.05
CA GLN A 25 -22.04 1.67 20.47
C GLN A 25 -21.90 2.28 19.08
N ASP A 26 -22.99 2.33 18.32
CA ASP A 26 -22.92 2.90 16.97
C ASP A 26 -22.56 4.38 17.00
N TYR A 27 -23.12 5.13 17.96
CA TYR A 27 -22.81 6.55 18.06
C TYR A 27 -21.35 6.78 18.45
N THR A 28 -20.83 5.97 19.38
CA THR A 28 -19.43 6.08 19.74
C THR A 28 -18.53 5.75 18.56
N ALA A 29 -18.88 4.70 17.80
CA ALA A 29 -18.10 4.36 16.61
C ALA A 29 -18.14 5.49 15.58
N ARG A 30 -19.30 6.11 15.41
CA ARG A 30 -19.42 7.24 14.49
C ARG A 30 -18.55 8.39 14.94
N ALA A 31 -18.50 8.66 16.24
CA ALA A 31 -17.64 9.71 16.76
C ALA A 31 -16.17 9.40 16.55
N GLN A 32 -15.77 8.13 16.71
CA GLN A 32 -14.36 7.77 16.56
C GLN A 32 -13.93 7.73 15.11
N VAL A 33 -14.85 7.43 14.18
CA VAL A 33 -14.52 7.40 12.76
C VAL A 33 -14.18 8.80 12.24
N SER A 34 -14.76 9.83 12.86
CA SER A 34 -14.51 11.20 12.41
C SER A 34 -13.04 11.57 12.50
N GLU A 35 -12.30 10.97 13.44
CA GLU A 35 -10.87 11.23 13.52
C GLU A 35 -10.15 10.76 12.27
N ALA A 36 -10.47 9.56 11.80
CA ALA A 36 -9.87 9.06 10.56
C ALA A 36 -10.32 9.88 9.37
N ILE A 37 -11.58 10.31 9.36
CA ILE A 37 -12.07 11.15 8.27
C ILE A 37 -11.27 12.44 8.20
N LEU A 38 -11.05 13.07 9.36
CA LEU A 38 -10.29 14.31 9.40
C LEU A 38 -8.84 14.09 9.00
N LEU A 39 -8.24 12.99 9.45
CA LEU A 39 -6.85 12.70 9.11
C LEU A 39 -6.68 12.44 7.61
N ALA A 40 -7.62 11.74 6.99
CA ALA A 40 -7.58 11.52 5.56
C ALA A 40 -7.90 12.78 4.75
N GLU A 41 -8.70 13.68 5.31
CA GLU A 41 -9.02 14.93 4.62
C GLU A 41 -7.81 15.85 4.48
N GLY A 42 -6.73 15.61 5.23
CA GLY A 42 -5.56 16.46 5.15
C GLY A 42 -4.57 16.13 4.07
N GLN A 43 -4.76 15.03 3.35
CA GLN A 43 -3.82 14.58 2.33
C GLN A 43 -4.26 14.91 0.92
N LYS A 44 -5.41 15.56 0.73
CA LYS A 44 -5.88 15.88 -0.61
C LYS A 44 -5.22 17.12 -1.18
N SER A 45 -4.55 17.93 -0.35
CA SER A 45 -3.83 19.09 -0.85
C SER A 45 -2.54 18.74 -1.56
N ALA A 46 -2.04 17.51 -1.40
CA ALA A 46 -0.83 17.08 -2.07
C ALA A 46 -1.10 16.10 -3.21
N VAL A 47 -2.32 15.60 -3.34
CA VAL A 47 -2.68 14.71 -4.44
C VAL A 47 -3.20 15.49 -5.64
N THR A 48 -4.07 16.46 -5.39
CA THR A 48 -4.62 17.27 -6.47
C THR A 48 -3.53 18.08 -7.17
N GLU A 49 -2.56 18.59 -6.41
CA GLU A 49 -1.47 19.35 -7.03
C GLU A 49 -0.65 18.46 -7.97
N TYR A 50 -0.34 17.24 -7.54
CA TYR A 50 0.39 16.32 -8.41
C TYR A 50 -0.43 15.96 -9.64
N TYR A 51 -1.73 15.70 -9.47
CA TYR A 51 -2.57 15.38 -10.62
C TYR A 51 -2.63 16.54 -11.60
N LEU A 52 -2.76 17.76 -11.09
CA LEU A 52 -2.83 18.95 -11.93
C LEU A 52 -1.52 19.21 -12.68
N ASN A 53 -0.37 19.01 -12.02
CA ASN A 53 0.91 19.34 -12.63
C ASN A 53 1.56 18.18 -13.37
N HIS A 54 1.00 16.98 -13.31
CA HIS A 54 1.59 15.83 -13.99
C HIS A 54 0.63 15.06 -14.88
N GLY A 55 -0.67 15.24 -14.72
CA GLY A 55 -1.64 14.58 -15.57
C GLY A 55 -2.05 13.19 -15.16
N GLU A 56 -1.46 12.65 -14.08
CA GLU A 56 -1.83 11.33 -13.59
C GLU A 56 -1.85 11.37 -12.07
N TRP A 57 -2.65 10.47 -11.50
CA TRP A 57 -2.76 10.39 -10.05
C TRP A 57 -1.48 9.83 -9.44
N PRO A 58 -1.14 10.24 -8.22
CA PRO A 58 0.04 9.68 -7.56
C PRO A 58 -0.11 8.18 -7.34
N GLY A 59 1.00 7.46 -7.49
CA GLY A 59 0.98 6.02 -7.33
C GLY A 59 1.13 5.58 -5.89
N ASP A 60 2.01 6.23 -5.14
CA ASP A 60 2.24 5.89 -3.74
C ASP A 60 2.39 7.14 -2.89
N ASN A 61 2.79 6.97 -1.63
CA ASN A 61 2.99 8.11 -0.75
C ASN A 61 4.21 8.94 -1.17
N SER A 62 5.24 8.28 -1.73
CA SER A 62 6.43 9.01 -2.14
C SER A 62 6.14 9.97 -3.28
N SER A 63 5.35 9.54 -4.27
CA SER A 63 4.99 10.41 -5.39
C SER A 63 4.13 11.59 -4.98
N ALA A 64 3.30 11.45 -3.95
CA ALA A 64 2.44 12.53 -3.51
C ALA A 64 3.09 13.45 -2.49
N GLY A 65 4.32 13.15 -2.05
CA GLY A 65 4.99 13.99 -1.09
C GLY A 65 4.37 14.02 0.29
N VAL A 66 3.93 12.86 0.80
CA VAL A 66 3.37 12.76 2.13
C VAL A 66 4.23 11.82 2.95
N ALA A 67 3.97 11.79 4.26
CA ALA A 67 4.75 10.98 5.18
C ALA A 67 4.47 9.49 4.94
N THR A 68 5.20 8.65 5.65
CA THR A 68 5.01 7.20 5.54
C THR A 68 3.65 6.81 6.06
N SER A 69 3.11 5.72 5.50
CA SER A 69 1.77 5.28 5.88
C SER A 69 1.70 4.90 7.35
N ALA A 70 2.73 4.20 7.85
CA ALA A 70 2.74 3.78 9.25
C ALA A 70 3.00 4.93 10.21
N ASP A 71 3.40 6.11 9.72
CA ASP A 71 3.68 7.24 10.58
C ASP A 71 2.50 8.20 10.74
N ILE A 72 1.44 8.02 9.96
CA ILE A 72 0.24 8.85 10.08
C ILE A 72 -0.67 8.15 11.08
N LYS A 73 -0.45 8.42 12.35
CA LYS A 73 -1.16 7.76 13.44
C LYS A 73 -1.86 8.79 14.30
N GLY A 74 -2.95 8.35 14.94
CA GLY A 74 -3.70 9.15 15.88
C GLY A 74 -4.04 8.34 17.11
N LYS A 75 -5.08 8.78 17.82
CA LYS A 75 -5.56 8.06 18.98
C LYS A 75 -6.31 6.79 18.63
N TYR A 76 -6.98 6.77 17.47
CA TYR A 76 -7.72 5.60 17.03
C TYR A 76 -7.40 5.19 15.59
N VAL A 77 -6.46 5.85 14.94
CA VAL A 77 -6.08 5.56 13.56
C VAL A 77 -4.63 5.12 13.55
N GLN A 78 -4.34 4.04 12.81
CA GLN A 78 -3.00 3.48 12.77
C GLN A 78 -2.27 3.66 11.45
N SER A 79 -2.97 3.93 10.36
CA SER A 79 -2.31 4.08 9.07
C SER A 79 -3.22 4.85 8.11
N VAL A 80 -2.58 5.63 7.24
CA VAL A 80 -3.24 6.29 6.11
C VAL A 80 -2.42 6.01 4.87
N THR A 81 -3.04 5.40 3.86
CA THR A 81 -2.34 4.93 2.68
C THR A 81 -2.90 5.60 1.43
N VAL A 82 -2.01 6.06 0.55
CA VAL A 82 -2.37 6.65 -0.73
C VAL A 82 -1.99 5.67 -1.82
N ALA A 83 -2.96 5.28 -2.65
CA ALA A 83 -2.74 4.31 -3.71
C ALA A 83 -3.57 4.71 -4.91
N ASN A 84 -2.90 5.15 -5.98
CA ASN A 84 -3.55 5.55 -7.23
C ASN A 84 -4.62 6.61 -7.00
N GLY A 85 -4.32 7.59 -6.16
CA GLY A 85 -5.24 8.67 -5.89
C GLY A 85 -6.32 8.36 -4.89
N VAL A 86 -6.26 7.21 -4.23
CA VAL A 86 -7.26 6.81 -3.25
C VAL A 86 -6.62 6.81 -1.87
N ILE A 87 -7.27 7.48 -0.92
CA ILE A 87 -6.77 7.60 0.44
C ILE A 87 -7.57 6.67 1.32
N THR A 88 -6.89 5.72 1.97
CA THR A 88 -7.52 4.73 2.84
C THR A 88 -6.97 4.87 4.25
N ALA A 89 -7.87 4.96 5.22
CA ALA A 89 -7.51 5.09 6.62
C ALA A 89 -7.98 3.85 7.37
N GLN A 90 -7.09 3.27 8.17
CA GLN A 90 -7.37 2.05 8.91
C GLN A 90 -7.40 2.34 10.40
N MET A 91 -8.37 1.74 11.08
CA MET A 91 -8.51 1.91 12.52
C MET A 91 -7.39 1.20 13.26
N ALA A 92 -7.36 1.39 14.57
CA ALA A 92 -6.41 0.68 15.43
C ALA A 92 -6.96 -0.72 15.71
N SER A 93 -6.34 -1.43 16.67
CA SER A 93 -6.73 -2.81 16.93
C SER A 93 -6.92 -3.15 18.40
N SER A 94 -6.49 -2.32 19.35
CA SER A 94 -6.59 -2.66 20.76
C SER A 94 -7.53 -1.76 21.53
N ASN A 95 -7.26 -0.45 21.60
CA ASN A 95 -8.09 0.47 22.37
C ASN A 95 -9.01 1.25 21.44
N VAL A 96 -10.02 0.55 20.93
CA VAL A 96 -11.06 1.12 20.07
C VAL A 96 -12.37 0.44 20.40
N ASN A 97 -13.44 0.88 19.73
CA ASN A 97 -14.72 0.22 19.85
C ASN A 97 -14.67 -1.17 19.23
N ASN A 98 -15.49 -2.08 19.77
CA ASN A 98 -15.50 -3.45 19.28
C ASN A 98 -16.08 -3.58 17.88
N GLU A 99 -16.72 -2.54 17.36
CA GLU A 99 -17.35 -2.61 16.04
C GLU A 99 -16.51 -2.02 14.92
N ILE A 100 -15.54 -1.17 15.24
CA ILE A 100 -14.70 -0.54 14.23
C ILE A 100 -13.26 -1.00 14.41
N LYS A 101 -13.08 -2.23 14.88
CA LYS A 101 -11.73 -2.75 15.12
C LYS A 101 -11.12 -3.20 13.80
N SER A 102 -10.04 -2.53 13.40
CA SER A 102 -9.29 -2.87 12.18
C SER A 102 -10.19 -2.80 10.94
N LYS A 103 -10.75 -1.63 10.69
CA LYS A 103 -11.62 -1.39 9.55
C LYS A 103 -11.11 -0.17 8.78
N LYS A 104 -11.54 -0.07 7.52
CA LYS A 104 -11.00 0.93 6.61
C LYS A 104 -12.12 1.73 5.97
N LEU A 105 -11.80 2.99 5.64
CA LEU A 105 -12.68 3.88 4.89
C LEU A 105 -11.86 4.58 3.81
N SER A 106 -12.53 5.03 2.76
CA SER A 106 -11.87 5.55 1.57
C SER A 106 -12.22 7.01 1.32
N LEU A 107 -11.45 7.62 0.43
CA LEU A 107 -11.64 9.01 0.01
C LEU A 107 -11.04 9.16 -1.37
N TRP A 108 -11.89 9.29 -2.40
CA TRP A 108 -11.41 9.38 -3.77
C TRP A 108 -12.10 10.53 -4.48
N ALA A 109 -11.53 10.92 -5.61
CA ALA A 109 -12.01 12.06 -6.38
C ALA A 109 -12.17 11.69 -7.86
N LYS A 110 -13.11 12.35 -8.52
CA LYS A 110 -13.36 12.18 -9.94
C LYS A 110 -13.34 13.55 -10.61
N ARG A 111 -12.73 13.61 -11.79
CA ARG A 111 -12.52 14.87 -12.49
C ARG A 111 -13.70 15.15 -13.42
N GLN A 112 -14.21 16.38 -13.35
CA GLN A 112 -15.27 16.85 -14.23
C GLN A 112 -14.73 17.94 -15.15
N ASN A 113 -15.61 18.44 -16.02
CA ASN A 113 -15.19 19.44 -16.99
C ASN A 113 -15.01 20.82 -16.39
N GLY A 114 -15.52 21.06 -15.19
CA GLY A 114 -15.39 22.36 -14.56
C GLY A 114 -15.16 22.32 -13.06
N SER A 115 -14.95 21.13 -12.51
CA SER A 115 -14.73 20.98 -11.08
C SER A 115 -14.10 19.61 -10.83
N VAL A 116 -13.67 19.41 -9.59
CA VAL A 116 -13.12 18.13 -9.13
C VAL A 116 -13.97 17.68 -7.95
N LYS A 117 -14.83 16.70 -8.16
CA LYS A 117 -15.71 16.22 -7.11
C LYS A 117 -14.97 15.25 -6.19
N TRP A 118 -15.34 15.27 -4.91
CA TRP A 118 -14.75 14.41 -3.90
C TRP A 118 -15.82 13.56 -3.26
N PHE A 119 -15.50 12.29 -3.02
CA PHE A 119 -16.43 11.33 -2.44
C PHE A 119 -15.86 10.71 -1.18
N CYS A 120 -16.74 10.27 -0.30
CA CYS A 120 -16.37 9.63 0.95
C CYS A 120 -17.26 8.42 1.19
N GLY A 121 -16.67 7.33 1.68
CA GLY A 121 -17.44 6.14 1.96
C GLY A 121 -16.62 4.88 2.17
N GLN A 122 -17.16 3.75 1.71
CA GLN A 122 -16.53 2.46 1.89
C GLN A 122 -15.31 2.32 0.97
N PRO A 123 -14.40 1.39 1.29
CA PRO A 123 -13.15 1.29 0.51
C PRO A 123 -13.40 1.03 -0.97
N VAL A 124 -12.59 1.68 -1.80
CA VAL A 124 -12.59 1.49 -3.25
C VAL A 124 -11.15 1.40 -3.72
N THR A 125 -10.97 0.80 -4.90
CA THR A 125 -9.64 0.67 -5.50
C THR A 125 -9.69 1.09 -6.97
N ARG A 126 -8.54 1.55 -7.45
CA ARG A 126 -8.33 1.89 -8.85
C ARG A 126 -7.46 0.81 -9.51
N THR A 127 -7.22 0.98 -10.81
CA THR A 127 -6.44 0.02 -11.58
C THR A 127 -5.17 0.64 -12.15
N THR A 128 -5.28 1.79 -12.81
CA THR A 128 -4.13 2.46 -13.40
C THR A 128 -4.14 3.92 -12.97
N ALA A 129 -2.96 4.54 -13.03
CA ALA A 129 -2.82 5.93 -12.62
C ALA A 129 -3.53 6.90 -13.55
N THR A 130 -3.95 6.45 -14.73
CA THR A 130 -4.62 7.30 -15.71
C THR A 130 -6.07 6.86 -15.95
N ALA A 131 -6.67 6.22 -14.96
CA ALA A 131 -8.05 5.75 -15.07
C ALA A 131 -9.01 6.76 -14.47
N THR A 132 -10.30 6.59 -14.79
CA THR A 132 -11.34 7.50 -14.32
C THR A 132 -12.48 6.76 -13.64
N ASP A 133 -12.33 5.46 -13.37
CA ASP A 133 -13.38 4.67 -12.74
C ASP A 133 -12.81 3.94 -11.53
N VAL A 134 -13.68 3.64 -10.57
CA VAL A 134 -13.30 2.95 -9.35
C VAL A 134 -14.21 1.75 -9.15
N ALA A 135 -13.70 0.76 -8.41
CA ALA A 135 -14.44 -0.45 -8.09
C ALA A 135 -14.33 -0.72 -6.60
N ALA A 136 -15.09 -1.71 -6.14
CA ALA A 136 -15.10 -2.05 -4.73
C ALA A 136 -13.77 -2.69 -4.32
N ALA A 137 -13.53 -2.71 -3.00
CA ALA A 137 -12.28 -3.25 -2.49
C ALA A 137 -12.17 -4.75 -2.73
N ASN A 138 -13.20 -5.50 -2.36
CA ASN A 138 -13.22 -6.96 -2.49
C ASN A 138 -11.98 -7.58 -1.84
N GLY A 139 -11.68 -7.14 -0.62
CA GLY A 139 -10.53 -7.64 0.10
C GLY A 139 -10.70 -9.05 0.64
N LYS A 140 -11.94 -9.52 0.75
CA LYS A 140 -12.25 -10.86 1.26
C LYS A 140 -11.65 -11.08 2.64
N THR A 141 -11.67 -10.02 3.47
CA THR A 141 -11.15 -10.12 4.82
C THR A 141 -12.03 -9.40 5.84
N ASP A 142 -13.20 -8.90 5.45
CA ASP A 142 -14.12 -8.20 6.34
C ASP A 142 -13.43 -7.02 7.01
N ASP A 143 -12.94 -6.10 6.17
CA ASP A 143 -12.27 -4.89 6.63
C ASP A 143 -12.99 -3.63 6.17
N LYS A 144 -14.32 -3.70 6.07
CA LYS A 144 -15.13 -2.59 5.60
C LYS A 144 -15.94 -2.02 6.76
N ILE A 145 -15.90 -0.70 6.91
CA ILE A 145 -16.71 -0.04 7.93
C ILE A 145 -18.18 -0.15 7.55
N ASN A 146 -19.00 -0.56 8.51
CA ASN A 146 -20.42 -0.74 8.24
C ASN A 146 -21.10 0.61 8.00
N THR A 147 -22.24 0.56 7.34
CA THR A 147 -22.99 1.77 7.04
C THR A 147 -23.46 2.47 8.31
N LYS A 148 -23.87 1.68 9.32
CA LYS A 148 -24.39 2.26 10.55
C LYS A 148 -23.33 3.03 11.33
N HIS A 149 -22.05 2.86 11.00
CA HIS A 149 -20.96 3.52 11.71
C HIS A 149 -20.35 4.66 10.89
N LEU A 150 -21.10 5.21 9.95
CA LEU A 150 -20.65 6.30 9.11
C LEU A 150 -21.70 7.40 9.09
N PRO A 151 -21.28 8.66 8.92
CA PRO A 151 -22.25 9.75 8.77
C PRO A 151 -23.06 9.60 7.49
N SER A 152 -24.26 10.18 7.51
CA SER A 152 -25.14 10.11 6.35
C SER A 152 -24.56 10.79 5.13
N THR A 153 -23.57 11.66 5.32
CA THR A 153 -22.91 12.35 4.21
C THR A 153 -21.66 11.62 3.73
N CYS A 154 -21.37 10.44 4.27
CA CYS A 154 -20.19 9.66 3.93
C CYS A 154 -20.58 8.22 3.60
N ARG A 155 -21.61 8.06 2.78
CA ARG A 155 -22.12 6.75 2.38
C ARG A 155 -22.19 6.64 0.87
N ASP A 156 -21.21 7.21 0.18
CA ASP A 156 -21.21 7.19 -1.28
C ASP A 156 -20.89 5.79 -1.81
N ASP A 157 -21.53 5.44 -2.91
CA ASP A 157 -21.32 4.16 -3.56
C ASP A 157 -20.14 4.24 -4.53
N SER A 158 -19.60 3.08 -4.87
CA SER A 158 -18.45 3.02 -5.78
C SER A 158 -18.79 3.46 -7.19
N SER A 159 -20.07 3.43 -7.57
CA SER A 159 -20.51 3.80 -8.90
C SER A 159 -21.03 5.23 -8.96
N ALA A 160 -20.89 6.00 -7.89
CA ALA A 160 -21.37 7.37 -7.88
C ALA A 160 -20.57 8.23 -8.85
N SER A 161 -21.26 9.14 -9.52
CA SER A 161 -20.63 10.03 -10.48
C SER A 161 -21.15 11.45 -10.34
N ALA B 2 17.91 4.63 8.17
CA ALA B 2 18.06 5.28 6.86
C ALA B 2 19.44 5.02 6.28
N GLN B 3 20.00 3.85 6.59
CA GLN B 3 21.33 3.45 6.12
C GLN B 3 21.28 2.02 5.59
N LEU B 4 20.28 1.73 4.75
CA LEU B 4 20.13 0.40 4.19
C LEU B 4 21.31 0.06 3.29
N GLN B 5 21.79 -1.18 3.42
CA GLN B 5 22.91 -1.68 2.62
C GLN B 5 22.49 -2.93 1.87
N LEU B 6 22.98 -3.07 0.64
CA LEU B 6 22.64 -4.19 -0.22
C LEU B 6 23.90 -4.95 -0.61
N VAL B 7 23.81 -6.28 -0.61
CA VAL B 7 24.92 -7.16 -0.93
C VAL B 7 24.47 -8.12 -2.04
N GLU B 8 25.25 -8.19 -3.10
CA GLU B 8 24.95 -9.04 -4.25
C GLU B 8 25.89 -10.23 -4.28
N SER B 9 25.34 -11.42 -4.50
CA SER B 9 26.13 -12.64 -4.58
C SER B 9 25.46 -13.60 -5.55
N GLY B 10 26.25 -14.55 -6.05
CA GLY B 10 25.76 -15.57 -6.95
C GLY B 10 26.33 -15.56 -8.35
N GLY B 11 27.26 -14.65 -8.66
CA GLY B 11 27.82 -14.60 -10.00
C GLY B 11 28.80 -15.72 -10.27
N GLY B 12 29.10 -15.90 -11.54
CA GLY B 12 30.04 -16.94 -11.94
C GLY B 12 30.15 -17.00 -13.45
N LEU B 13 30.94 -17.97 -13.90
CA LEU B 13 31.18 -18.20 -15.32
C LEU B 13 30.51 -19.50 -15.74
N VAL B 14 29.71 -19.43 -16.81
CA VAL B 14 28.99 -20.60 -17.31
C VAL B 14 29.01 -20.58 -18.83
N GLN B 15 28.79 -21.75 -19.41
CA GLN B 15 28.73 -21.91 -20.86
C GLN B 15 27.41 -21.35 -21.40
N PRO B 16 27.37 -21.02 -22.69
CA PRO B 16 26.11 -20.56 -23.28
C PRO B 16 25.00 -21.60 -23.15
N GLY B 17 23.79 -21.12 -22.94
CA GLY B 17 22.67 -22.00 -22.69
C GLY B 17 22.52 -22.42 -21.25
N GLY B 18 23.36 -21.89 -20.35
CA GLY B 18 23.33 -22.22 -18.95
C GLY B 18 22.35 -21.37 -18.17
N SER B 19 22.41 -21.52 -16.85
CA SER B 19 21.52 -20.82 -15.94
C SER B 19 22.32 -20.31 -14.74
N LEU B 20 21.98 -19.11 -14.29
CA LEU B 20 22.60 -18.49 -13.12
C LEU B 20 21.52 -17.91 -12.23
N ARG B 21 21.77 -17.89 -10.93
CA ARG B 21 20.84 -17.34 -9.94
C ARG B 21 21.57 -16.23 -9.19
N LEU B 22 21.00 -15.02 -9.23
CA LEU B 22 21.56 -13.87 -8.53
C LEU B 22 20.65 -13.49 -7.37
N SER B 23 21.26 -13.16 -6.23
CA SER B 23 20.54 -12.82 -5.02
C SER B 23 21.05 -11.49 -4.47
N CYS B 24 20.13 -10.65 -4.01
CA CYS B 24 20.45 -9.39 -3.36
C CYS B 24 19.88 -9.40 -1.95
N ALA B 25 20.73 -9.14 -0.97
CA ALA B 25 20.34 -9.15 0.43
C ALA B 25 20.43 -7.72 0.99
N SER B 26 19.32 -7.25 1.56
CA SER B 26 19.25 -5.92 2.14
C SER B 26 18.92 -6.04 3.63
N SER B 27 19.69 -5.33 4.45
CA SER B 27 19.48 -5.35 5.89
C SER B 27 19.56 -3.93 6.43
N GLY B 28 18.63 -3.58 7.31
CA GLY B 28 18.65 -2.28 7.96
C GLY B 28 17.35 -1.51 7.88
N PHE B 29 16.79 -1.18 9.02
CA PHE B 29 15.56 -0.39 9.16
C PHE B 29 14.44 -1.02 8.34
N ARG B 30 13.58 -0.19 7.76
CA ARG B 30 12.42 -0.65 7.00
C ARG B 30 12.88 -1.09 5.63
N SER B 31 13.33 -2.34 5.53
CA SER B 31 13.77 -2.89 4.25
C SER B 31 12.61 -3.35 3.38
N ASP B 32 11.40 -3.44 3.93
CA ASP B 32 10.24 -3.88 3.18
C ASP B 32 9.49 -2.70 2.54
N TYR B 33 9.99 -1.48 2.67
CA TYR B 33 9.38 -0.31 2.08
C TYR B 33 10.09 0.13 0.80
N TYR B 34 11.00 -0.69 0.27
CA TYR B 34 11.78 -0.34 -0.90
C TYR B 34 11.43 -1.26 -2.06
N ALA B 35 11.72 -0.80 -3.27
CA ALA B 35 11.56 -1.58 -4.49
C ALA B 35 12.94 -1.90 -5.06
N ILE B 36 13.19 -3.19 -5.27
CA ILE B 36 14.50 -3.65 -5.73
C ILE B 36 14.51 -3.69 -7.25
N VAL B 37 15.50 -3.02 -7.84
CA VAL B 37 15.66 -2.95 -9.29
C VAL B 37 17.05 -3.45 -9.65
N TRP B 38 17.12 -4.27 -10.69
CA TRP B 38 18.37 -4.85 -11.16
C TRP B 38 18.88 -4.08 -12.37
N PHE B 39 20.16 -3.75 -12.36
CA PHE B 39 20.81 -3.04 -13.46
C PHE B 39 21.87 -3.92 -14.09
N ARG B 40 22.42 -3.45 -15.20
CA ARG B 40 23.45 -4.18 -15.93
C ARG B 40 24.25 -3.19 -16.77
N GLN B 41 25.58 -3.26 -16.65
CA GLN B 41 26.47 -2.38 -17.39
C GLN B 41 27.56 -3.21 -18.06
N ALA B 42 27.57 -3.19 -19.39
CA ALA B 42 28.55 -3.89 -20.19
C ALA B 42 29.75 -2.98 -20.47
N PRO B 43 30.93 -3.55 -20.67
CA PRO B 43 32.09 -2.72 -21.00
C PRO B 43 31.88 -1.95 -22.29
N GLY B 44 32.34 -0.72 -22.31
CA GLY B 44 32.16 0.15 -23.47
C GLY B 44 30.86 0.93 -23.49
N LYS B 45 29.76 0.26 -23.19
CA LYS B 45 28.44 0.90 -23.19
C LYS B 45 28.15 1.47 -21.80
N GLU B 46 26.91 1.94 -21.61
CA GLU B 46 26.48 2.56 -20.37
C GLU B 46 25.54 1.62 -19.61
N ARG B 47 25.07 2.08 -18.46
CA ARG B 47 24.17 1.29 -17.63
C ARG B 47 22.78 1.21 -18.26
N GLU B 48 22.08 0.13 -17.94
CA GLU B 48 20.73 -0.09 -18.45
C GLU B 48 19.94 -0.91 -17.43
N GLY B 49 18.62 -0.80 -17.52
CA GLY B 49 17.74 -1.56 -16.64
C GLY B 49 17.45 -2.96 -17.18
N VAL B 50 17.17 -3.88 -16.27
CA VAL B 50 16.89 -5.26 -16.64
C VAL B 50 15.52 -5.68 -16.13
N SER B 51 15.33 -5.62 -14.81
CA SER B 51 14.08 -6.05 -14.21
C SER B 51 13.79 -5.21 -12.99
N CYS B 52 12.52 -5.22 -12.57
CA CYS B 52 12.08 -4.47 -11.42
C CYS B 52 10.98 -5.26 -10.70
N ILE B 53 10.86 -5.02 -9.40
CA ILE B 53 9.82 -5.62 -8.58
C ILE B 53 9.20 -4.56 -7.70
N SER B 54 7.90 -4.64 -7.50
CA SER B 54 7.17 -3.68 -6.70
C SER B 54 7.22 -4.04 -5.22
N THR B 55 6.75 -3.12 -4.38
CA THR B 55 6.74 -3.35 -2.95
C THR B 55 5.70 -4.41 -2.56
N SER B 56 4.56 -4.41 -3.23
CA SER B 56 3.53 -5.41 -2.94
C SER B 56 3.87 -6.77 -3.51
N GLY B 57 4.78 -6.84 -4.48
CA GLY B 57 5.18 -8.10 -5.08
C GLY B 57 4.29 -8.60 -6.18
N LYS B 58 3.24 -7.86 -6.56
CA LYS B 58 2.33 -8.27 -7.61
C LYS B 58 2.50 -7.46 -8.89
N THR B 59 3.65 -6.79 -9.03
CA THR B 59 3.92 -6.01 -10.23
C THR B 59 5.40 -6.16 -10.55
N THR B 60 5.70 -6.89 -11.63
CA THR B 60 7.07 -7.14 -12.06
C THR B 60 7.19 -6.74 -13.53
N ILE B 61 8.21 -5.96 -13.85
CA ILE B 61 8.45 -5.53 -15.22
C ILE B 61 9.83 -6.03 -15.66
N TYR B 62 10.02 -6.10 -16.97
CA TYR B 62 11.27 -6.59 -17.54
C TYR B 62 11.75 -5.69 -18.67
N ALA B 63 12.86 -6.05 -19.29
CA ALA B 63 13.40 -5.32 -20.44
C ALA B 63 13.11 -6.11 -21.71
N ASP B 64 13.04 -5.39 -22.83
CA ASP B 64 12.68 -6.01 -24.10
C ASP B 64 13.70 -7.05 -24.53
N SER B 65 14.95 -6.93 -24.08
CA SER B 65 16.00 -7.85 -24.47
C SER B 65 16.08 -9.08 -23.57
N VAL B 66 15.30 -9.15 -22.49
CA VAL B 66 15.37 -10.26 -21.56
C VAL B 66 13.97 -10.82 -21.31
N LYS B 67 13.02 -10.45 -22.16
CA LYS B 67 11.65 -10.92 -21.99
C LYS B 67 11.57 -12.43 -22.21
N GLY B 68 10.89 -13.12 -21.30
CA GLY B 68 10.69 -14.55 -21.40
C GLY B 68 11.83 -15.40 -20.91
N ARG B 69 12.98 -14.81 -20.59
CA ARG B 69 14.14 -15.56 -20.13
C ARG B 69 14.53 -15.28 -18.69
N PHE B 70 14.14 -14.13 -18.14
CA PHE B 70 14.50 -13.74 -16.79
C PHE B 70 13.27 -13.74 -15.90
N THR B 71 13.43 -14.21 -14.66
CA THR B 71 12.36 -14.22 -13.67
C THR B 71 12.88 -13.65 -12.36
N ILE B 72 12.07 -12.81 -11.73
CA ILE B 72 12.44 -12.14 -10.49
C ILE B 72 11.37 -12.44 -9.44
N SER B 73 11.83 -12.82 -8.25
CA SER B 73 10.93 -13.15 -7.14
C SER B 73 11.47 -12.52 -5.86
N ARG B 74 10.56 -12.25 -4.93
CA ARG B 74 10.90 -11.60 -3.67
C ARG B 74 10.38 -12.43 -2.51
N ASP B 75 11.23 -12.67 -1.52
CA ASP B 75 10.86 -13.36 -0.30
C ASP B 75 11.25 -12.48 0.88
N ASN B 76 10.25 -11.90 1.54
CA ASN B 76 10.52 -10.96 2.63
C ASN B 76 10.99 -11.66 3.90
N ALA B 77 10.71 -12.95 4.05
CA ALA B 77 11.14 -13.67 5.25
C ALA B 77 12.66 -13.70 5.36
N LYS B 78 13.35 -13.95 4.25
CA LYS B 78 14.80 -14.00 4.22
C LYS B 78 15.44 -12.67 3.84
N ASN B 79 14.63 -11.64 3.55
CA ASN B 79 15.13 -10.34 3.13
C ASN B 79 16.05 -10.44 1.91
N THR B 80 15.67 -11.29 0.96
CA THR B 80 16.44 -11.50 -0.26
C THR B 80 15.53 -11.43 -1.47
N VAL B 81 16.09 -10.94 -2.57
CA VAL B 81 15.40 -10.86 -3.86
C VAL B 81 16.23 -11.64 -4.88
N TYR B 82 15.58 -12.58 -5.57
CA TYR B 82 16.24 -13.48 -6.49
C TYR B 82 15.97 -13.08 -7.93
N LEU B 83 16.97 -13.30 -8.79
CA LEU B 83 16.85 -13.08 -10.22
C LEU B 83 17.45 -14.29 -10.94
N GLN B 84 16.60 -15.07 -11.59
CA GLN B 84 17.02 -16.29 -12.25
C GLN B 84 17.11 -16.08 -13.75
N MET B 85 18.21 -16.53 -14.34
CA MET B 85 18.44 -16.41 -15.78
C MET B 85 18.42 -17.79 -16.43
N ASN B 86 17.72 -17.89 -17.56
CA ASN B 86 17.63 -19.11 -18.34
C ASN B 86 17.87 -18.78 -19.80
N SER B 87 18.41 -19.77 -20.53
CA SER B 87 18.74 -19.62 -21.95
C SER B 87 19.67 -18.43 -22.17
N LEU B 88 20.86 -18.52 -21.56
CA LEU B 88 21.81 -17.43 -21.60
C LEU B 88 22.37 -17.24 -23.01
N LYS B 89 22.85 -16.03 -23.27
CA LYS B 89 23.37 -15.63 -24.56
C LYS B 89 24.75 -15.00 -24.37
N PRO B 90 25.66 -15.21 -25.34
CA PRO B 90 27.00 -14.60 -25.21
C PRO B 90 26.97 -13.07 -25.18
N GLU B 91 25.89 -12.44 -25.64
CA GLU B 91 25.77 -10.99 -25.60
C GLU B 91 25.28 -10.47 -24.25
N ASP B 92 25.38 -11.27 -23.19
CA ASP B 92 24.93 -10.88 -21.86
C ASP B 92 26.08 -10.71 -20.87
N THR B 93 27.31 -10.57 -21.37
CA THR B 93 28.47 -10.40 -20.51
C THR B 93 28.52 -8.98 -20.00
N ALA B 94 28.31 -8.80 -18.70
CA ALA B 94 28.29 -7.48 -18.09
C ALA B 94 28.41 -7.64 -16.57
N VAL B 95 28.34 -6.51 -15.88
CA VAL B 95 28.38 -6.48 -14.42
C VAL B 95 27.00 -6.07 -13.93
N TYR B 96 26.44 -6.86 -13.02
CA TYR B 96 25.08 -6.65 -12.53
C TYR B 96 25.10 -5.94 -11.18
N TYR B 97 24.19 -4.98 -11.02
CA TYR B 97 24.08 -4.18 -9.81
C TYR B 97 22.66 -4.30 -9.26
N CYS B 98 22.55 -4.12 -7.94
CA CYS B 98 21.27 -4.16 -7.24
C CYS B 98 21.11 -2.86 -6.47
N ALA B 99 19.95 -2.22 -6.60
CA ALA B 99 19.67 -0.95 -5.95
C ALA B 99 18.20 -0.88 -5.57
N ALA B 100 17.88 0.05 -4.67
CA ALA B 100 16.55 0.16 -4.10
C ALA B 100 16.03 1.58 -4.19
N ASP B 101 14.71 1.71 -4.31
CA ASP B 101 14.03 2.99 -4.35
C ASP B 101 12.99 3.03 -3.23
N PHE B 102 12.89 4.17 -2.56
CA PHE B 102 12.04 4.31 -1.39
C PHE B 102 10.61 4.63 -1.79
N ARG B 103 9.67 3.82 -1.31
CA ARG B 103 8.24 4.06 -1.47
C ARG B 103 7.59 3.99 -0.10
N GLY B 104 6.86 5.03 0.28
CA GLY B 104 6.29 5.11 1.61
C GLY B 104 5.05 4.26 1.80
N SER B 105 5.10 3.00 1.36
CA SER B 105 3.97 2.09 1.49
C SER B 105 4.44 0.68 1.19
N ARG B 106 3.87 -0.29 1.90
CA ARG B 106 4.13 -1.70 1.64
C ARG B 106 3.14 -2.33 0.67
N LEU B 107 2.20 -1.54 0.15
CA LEU B 107 1.19 -2.01 -0.80
C LEU B 107 1.22 -1.17 -2.06
N SER B 108 2.42 -0.93 -2.59
CA SER B 108 2.61 -0.12 -3.77
C SER B 108 2.80 -0.99 -5.00
N ASP B 109 2.58 -0.40 -6.15
CA ASP B 109 2.75 -1.12 -7.38
C ASP B 109 3.43 -0.28 -8.43
N VAL B 110 4.38 0.56 -8.01
CA VAL B 110 5.08 1.42 -8.94
C VAL B 110 6.47 0.91 -9.11
N CYS B 111 6.87 0.66 -10.35
CA CYS B 111 8.23 0.26 -10.61
C CYS B 111 8.85 1.25 -11.59
N SER B 112 10.06 1.73 -11.30
CA SER B 112 10.72 2.71 -12.13
C SER B 112 12.20 2.53 -12.12
N TYR B 113 12.85 2.99 -13.16
CA TYR B 113 14.28 2.82 -13.26
C TYR B 113 15.02 4.13 -13.07
N SER B 114 14.39 5.13 -12.46
CA SER B 114 15.00 6.43 -12.27
C SER B 114 14.92 6.90 -10.85
N SER B 115 15.84 7.74 -10.43
CA SER B 115 15.85 8.30 -9.09
C SER B 115 16.06 7.26 -8.04
N MET B 116 17.22 6.63 -8.06
CA MET B 116 17.47 5.56 -7.11
C MET B 116 18.24 6.12 -5.97
N ASP B 117 18.13 5.51 -4.82
CA ASP B 117 18.76 6.06 -3.63
C ASP B 117 20.05 5.34 -3.30
N TYR B 118 19.97 4.15 -2.77
CA TYR B 118 21.11 3.32 -2.43
C TYR B 118 21.55 2.49 -3.64
N TRP B 119 22.69 1.84 -3.50
CA TRP B 119 23.28 1.06 -4.59
C TRP B 119 24.00 -0.14 -3.99
N GLY B 120 24.70 -0.89 -4.84
CA GLY B 120 25.46 -2.04 -4.42
C GLY B 120 26.82 -2.10 -5.10
N LYS B 121 27.67 -2.98 -4.58
CA LYS B 121 29.03 -3.11 -5.11
C LYS B 121 29.02 -3.70 -6.52
N GLY B 122 28.23 -4.73 -6.75
CA GLY B 122 28.16 -5.35 -8.07
C GLY B 122 28.65 -6.78 -8.10
N THR B 123 28.17 -7.56 -9.07
CA THR B 123 28.59 -8.94 -9.24
C THR B 123 28.98 -9.17 -10.69
N LEU B 124 29.97 -10.03 -10.89
CA LEU B 124 30.53 -10.30 -12.21
C LEU B 124 29.92 -11.57 -12.78
N ALA B 125 29.45 -11.49 -14.03
CA ALA B 125 28.85 -12.63 -14.71
C ALA B 125 29.30 -12.59 -16.16
N THR B 126 30.13 -13.56 -16.55
CA THR B 126 30.64 -13.68 -17.91
C THR B 126 30.29 -15.05 -18.46
N VAL B 127 29.81 -15.07 -19.70
CA VAL B 127 29.42 -16.30 -20.39
C VAL B 127 30.24 -16.42 -21.67
N SER B 128 30.80 -17.60 -21.90
CA SER B 128 31.62 -17.85 -23.08
C SER B 128 31.66 -19.34 -23.40
#